data_2GRY
#
_entry.id   2GRY
#
_cell.length_a   121.475
_cell.length_b   121.475
_cell.length_c   175.684
_cell.angle_alpha   90.00
_cell.angle_beta   90.00
_cell.angle_gamma   120.00
#
_symmetry.space_group_name_H-M   'H 3 2'
#
loop_
_entity.id
_entity.type
_entity.pdbx_description
1 polymer 'Kinesin-like protein KIF2'
2 non-polymer 'MAGNESIUM ION'
3 non-polymer "ADENOSINE-5'-DIPHOSPHATE"
4 non-polymer 'UNKNOWN ATOM OR ION'
5 water water
#
_entity_poly.entity_id   1
_entity_poly.type   'polypeptide(L)'
_entity_poly.pdbx_seq_one_letter_code
;MGSSHHHHHHSSGLVPRGSSRRKSNCVKEVEKLQEKREKRRLQQQELREKRAQDVDATNPNYEIMCMIRDFRGSLDYRPL
TTADPIDEHRICVCVRKRPLNKKETQMKDLDVITIPSKDVVMVHEPKQKVDLTRYLENQTFRFDYAFDDSAPNEMVYRFT
ARPLVETIFERGMATCFAYGQTGSGKTHTMGGDFSGKNQDCSKGIYALAARDVFLMLKKPNYKKLELQVYATFFEIYSGK
VFDLLNRKTKLRVLEDGKQQVQVVGLQEREVKCVEDVLKLIDIGNSCRTSGQTSANAHSSRSHAVFQIILRRKGKLHGKF
SLIDLAGNERGADTSSADRQTRLEGAEINKSLLALKECIRALGRNKPHTPFRASKLTQVLRDSFIGENSRTCMIATISPG
MASCENTLNTLRYANRVKEL
;
_entity_poly.pdbx_strand_id   A
#
loop_
_chem_comp.id
_chem_comp.type
_chem_comp.name
_chem_comp.formula
ADP non-polymer ADENOSINE-5'-DIPHOSPHATE 'C10 H15 N5 O10 P2'
MG non-polymer 'MAGNESIUM ION' 'Mg 2'
UNX non-polymer 'UNKNOWN ATOM OR ION' ?
#
# COMPACT_ATOMS: atom_id res chain seq x y z
N GLU A 63 30.71 9.56 -16.04
CA GLU A 63 30.28 10.84 -16.69
C GLU A 63 28.89 11.27 -16.23
N ILE A 64 27.90 10.41 -16.47
CA ILE A 64 26.55 10.57 -15.91
C ILE A 64 26.57 10.39 -14.38
N MET A 65 27.37 9.43 -13.92
CA MET A 65 27.53 9.12 -12.50
C MET A 65 28.16 10.29 -11.72
N CYS A 66 29.14 10.97 -12.33
CA CYS A 66 29.80 12.12 -11.70
C CYS A 66 28.82 13.28 -11.55
N MET A 67 28.09 13.53 -12.64
CA MET A 67 27.03 14.53 -12.66
C MET A 67 26.00 14.32 -11.54
N ILE A 68 25.79 13.06 -11.17
CA ILE A 68 24.84 12.67 -10.13
C ILE A 68 25.42 12.89 -8.75
N ARG A 69 26.64 12.37 -8.54
CA ARG A 69 27.43 12.57 -7.34
C ARG A 69 27.66 14.06 -7.05
N ASP A 70 27.92 14.85 -8.10
CA ASP A 70 28.17 16.30 -7.95
C ASP A 70 26.92 17.05 -7.52
N PHE A 71 25.76 16.43 -7.69
CA PHE A 71 24.47 17.04 -7.38
C PHE A 71 23.97 16.64 -5.98
N ARG A 72 24.12 15.36 -5.65
CA ARG A 72 23.87 14.86 -4.31
C ARG A 72 24.76 15.59 -3.27
N GLY A 73 26.03 15.83 -3.64
CA GLY A 73 26.98 16.51 -2.76
C GLY A 73 26.55 17.91 -2.31
N SER A 74 25.58 18.48 -3.03
CA SER A 74 25.02 19.81 -2.75
C SER A 74 23.75 19.76 -1.87
N LEU A 75 23.20 18.56 -1.68
CA LEU A 75 21.97 18.36 -0.89
C LEU A 75 22.21 18.36 0.61
N ASP A 76 21.24 18.90 1.34
CA ASP A 76 21.23 18.84 2.80
C ASP A 76 20.40 17.63 3.24
N TYR A 77 21.07 16.52 3.58
CA TYR A 77 20.40 15.29 4.00
C TYR A 77 19.79 15.36 5.41
N ARG A 78 18.45 15.42 5.47
CA ARG A 78 17.70 15.53 6.73
C ARG A 78 16.61 14.44 6.85
N PRO A 79 17.03 13.15 6.95
CA PRO A 79 16.08 12.03 6.86
C PRO A 79 15.13 11.97 8.04
N LEU A 80 14.12 11.12 7.89
CA LEU A 80 13.11 10.92 8.91
C LEU A 80 13.62 9.93 9.96
N PRO A 85 7.81 11.58 15.26
CA PRO A 85 6.94 12.77 15.34
C PRO A 85 5.77 12.65 14.37
N ILE A 86 4.69 11.98 14.81
CA ILE A 86 3.61 11.58 13.88
C ILE A 86 2.49 12.63 13.72
N ASP A 87 2.30 13.07 12.48
CA ASP A 87 1.21 13.98 12.15
C ASP A 87 -0.07 13.20 11.80
N GLU A 88 -1.22 13.78 12.13
CA GLU A 88 -2.51 13.13 11.85
C GLU A 88 -3.04 13.51 10.47
N HIS A 89 -3.25 12.50 9.61
CA HIS A 89 -3.95 12.70 8.32
C HIS A 89 -5.09 11.70 8.19
N ARG A 90 -6.25 12.19 7.76
CA ARG A 90 -7.34 11.30 7.35
C ARG A 90 -6.90 10.47 6.13
N ILE A 91 -6.20 11.13 5.19
CA ILE A 91 -5.60 10.49 4.06
C ILE A 91 -4.10 10.74 4.10
N CYS A 92 -3.33 9.68 4.25
CA CYS A 92 -1.89 9.83 4.31
C CYS A 92 -1.23 9.23 3.08
N VAL A 93 -0.55 10.08 2.31
CA VAL A 93 0.15 9.64 1.09
C VAL A 93 1.64 9.82 1.30
N CYS A 94 2.39 8.76 1.02
CA CYS A 94 3.83 8.71 1.26
CA CYS A 94 3.82 8.80 1.21
C CYS A 94 4.51 8.03 0.10
N VAL A 95 5.82 8.24 -0.02
CA VAL A 95 6.66 7.56 -1.01
C VAL A 95 7.77 6.81 -0.30
N ARG A 96 8.12 5.66 -0.86
CA ARG A 96 9.21 4.87 -0.37
C ARG A 96 10.11 4.36 -1.50
N LYS A 97 11.37 4.82 -1.48
CA LYS A 97 12.39 4.39 -2.42
C LYS A 97 13.02 3.09 -1.90
N ARG A 98 13.21 2.11 -2.77
CA ARG A 98 13.96 0.94 -2.40
C ARG A 98 15.40 1.09 -2.94
N PRO A 99 16.37 0.39 -2.31
CA PRO A 99 17.72 0.48 -2.85
C PRO A 99 17.95 -0.25 -4.18
N LEU A 100 19.01 0.10 -4.89
CA LEU A 100 19.46 -0.69 -6.01
C LEU A 100 19.78 -2.08 -5.48
N ASN A 101 19.29 -3.12 -6.15
CA ASN A 101 19.63 -4.48 -5.71
C ASN A 101 21.04 -4.93 -6.17
N LYS A 102 21.45 -6.10 -5.67
CA LYS A 102 22.79 -6.63 -5.90
C LYS A 102 23.13 -6.82 -7.38
N LYS A 103 22.10 -7.10 -8.21
CA LYS A 103 22.26 -7.23 -9.67
C LYS A 103 22.42 -5.87 -10.32
N GLU A 104 21.47 -4.96 -10.05
CA GLU A 104 21.55 -3.55 -10.51
C GLU A 104 22.89 -2.88 -10.15
N THR A 105 23.38 -3.16 -8.95
CA THR A 105 24.65 -2.60 -8.44
C THR A 105 25.88 -3.06 -9.24
N GLN A 106 25.93 -4.35 -9.61
CA GLN A 106 27.00 -4.89 -10.47
C GLN A 106 26.68 -4.74 -11.97
N MET A 107 25.42 -4.41 -12.27
CA MET A 107 24.99 -4.13 -13.65
C MET A 107 25.21 -2.66 -14.05
N LYS A 108 26.08 -1.98 -13.29
CA LYS A 108 26.48 -0.57 -13.53
C LYS A 108 25.34 0.48 -13.41
N ASP A 109 24.07 0.04 -13.50
CA ASP A 109 22.88 0.93 -13.53
C ASP A 109 22.89 2.04 -12.46
N LEU A 110 22.25 3.17 -12.80
CA LEU A 110 22.31 4.36 -11.99
C LEU A 110 21.09 4.66 -11.15
N ASP A 111 21.32 5.26 -10.00
CA ASP A 111 20.27 5.65 -9.06
C ASP A 111 19.84 7.10 -9.31
N VAL A 112 18.64 7.27 -9.87
CA VAL A 112 18.15 8.61 -10.30
C VAL A 112 17.21 9.31 -9.29
N ILE A 113 17.11 8.77 -8.08
CA ILE A 113 16.15 9.29 -7.09
C ILE A 113 16.81 9.64 -5.76
N THR A 114 16.53 10.84 -5.26
CA THR A 114 17.01 11.25 -3.97
C THR A 114 15.86 11.69 -3.08
N ILE A 115 15.85 11.14 -1.86
CA ILE A 115 14.97 11.59 -0.77
C ILE A 115 15.87 12.29 0.27
N PRO A 116 16.03 13.65 0.18
CA PRO A 116 16.97 14.40 1.06
C PRO A 116 16.36 14.86 2.38
N SER A 117 15.06 14.65 2.52
CA SER A 117 14.25 15.36 3.46
C SER A 117 13.16 14.40 3.89
N LYS A 118 12.43 14.76 4.95
CA LYS A 118 11.36 13.92 5.56
C LYS A 118 10.14 13.75 4.63
N ASP A 119 10.14 14.57 3.57
CA ASP A 119 8.98 15.15 2.98
C ASP A 119 9.07 15.12 1.43
N VAL A 120 10.30 15.14 0.93
CA VAL A 120 10.57 15.48 -0.45
C VAL A 120 11.14 14.30 -1.23
N VAL A 121 10.62 14.09 -2.44
CA VAL A 121 11.18 13.17 -3.44
C VAL A 121 11.72 13.96 -4.64
N MET A 122 13.00 13.76 -4.93
CA MET A 122 13.63 14.35 -6.11
C MET A 122 13.89 13.29 -7.16
N VAL A 123 13.39 13.55 -8.37
CA VAL A 123 13.75 12.76 -9.56
C VAL A 123 14.72 13.59 -10.38
N HIS A 124 15.92 13.09 -10.60
CA HIS A 124 16.89 13.77 -11.46
C HIS A 124 17.41 12.87 -12.60
N GLU A 125 16.65 12.85 -13.69
CA GLU A 125 16.95 12.03 -14.85
C GLU A 125 18.07 12.69 -15.70
N PRO A 126 19.20 11.96 -15.92
CA PRO A 126 20.28 12.45 -16.76
C PRO A 126 19.80 12.45 -18.20
N LYS A 127 20.09 13.53 -18.90
CA LYS A 127 19.72 13.71 -20.26
C LYS A 127 20.93 14.25 -20.97
N GLN A 128 20.93 14.15 -22.28
CA GLN A 128 21.99 14.74 -23.05
C GLN A 128 21.42 15.43 -24.27
N LYS A 129 21.90 16.65 -24.52
CA LYS A 129 21.47 17.47 -25.64
C LYS A 129 22.16 17.05 -26.93
N VAL A 130 21.73 17.67 -28.02
CA VAL A 130 22.28 17.41 -29.32
C VAL A 130 23.70 17.96 -29.47
N ASP A 131 24.07 18.94 -28.64
CA ASP A 131 25.45 19.47 -28.63
C ASP A 131 26.37 18.69 -27.65
N LEU A 132 25.80 17.67 -27.00
CA LEU A 132 26.51 16.73 -26.09
C LEU A 132 26.52 17.20 -24.63
N THR A 133 25.85 18.32 -24.39
CA THR A 133 25.69 18.86 -23.06
C THR A 133 24.84 17.92 -22.22
N ARG A 134 25.38 17.48 -21.09
CA ARG A 134 24.60 16.71 -20.14
C ARG A 134 24.02 17.56 -19.03
N TYR A 135 22.81 17.21 -18.58
CA TYR A 135 22.12 17.94 -17.51
C TYR A 135 21.25 17.02 -16.77
N LEU A 136 20.76 17.47 -15.63
CA LEU A 136 19.79 16.68 -14.89
C LEU A 136 18.42 17.29 -15.06
N GLU A 137 17.45 16.45 -15.41
CA GLU A 137 16.05 16.83 -15.50
C GLU A 137 15.42 16.60 -14.16
N ASN A 138 15.26 17.69 -13.43
CA ASN A 138 14.88 17.64 -12.03
C ASN A 138 13.41 17.89 -11.78
N GLN A 139 12.72 16.88 -11.25
CA GLN A 139 11.33 17.02 -10.82
C GLN A 139 11.24 16.65 -9.36
N THR A 140 10.71 17.59 -8.59
CA THR A 140 10.59 17.44 -7.16
C THR A 140 9.11 17.25 -6.78
N PHE A 141 8.85 16.29 -5.89
CA PHE A 141 7.49 16.03 -5.38
C PHE A 141 7.45 16.14 -3.85
N ARG A 142 6.34 16.68 -3.33
CA ARG A 142 6.13 16.75 -1.89
C ARG A 142 4.94 15.87 -1.42
N PHE A 143 5.20 15.04 -0.40
CA PHE A 143 4.18 14.16 0.20
C PHE A 143 4.11 14.39 1.71
N ASP A 144 3.24 13.63 2.39
CA ASP A 144 3.17 13.68 3.84
C ASP A 144 4.46 13.13 4.45
N TYR A 145 5.01 12.08 3.85
CA TYR A 145 6.29 11.53 4.28
C TYR A 145 6.98 10.91 3.09
N ALA A 146 8.30 10.80 3.16
CA ALA A 146 9.09 10.19 2.11
C ALA A 146 10.13 9.36 2.83
N PHE A 147 10.38 8.16 2.35
CA PHE A 147 11.31 7.26 3.02
C PHE A 147 12.44 6.90 2.08
N ASP A 148 13.68 7.15 2.51
CA ASP A 148 14.85 6.83 1.70
C ASP A 148 15.09 5.33 1.64
N ASP A 149 16.07 4.94 0.83
CA ASP A 149 16.31 3.55 0.52
C ASP A 149 16.92 2.71 1.66
N SER A 150 17.10 3.34 2.83
CA SER A 150 17.61 2.62 3.99
C SER A 150 16.64 2.69 5.18
N ALA A 151 15.46 3.30 4.97
CA ALA A 151 14.34 3.21 5.95
C ALA A 151 13.87 1.75 6.02
N PRO A 152 13.93 1.15 7.24
CA PRO A 152 13.41 -0.19 7.48
C PRO A 152 11.88 -0.20 7.57
N ASN A 153 11.26 -1.39 7.44
CA ASN A 153 9.80 -1.50 7.50
C ASN A 153 9.18 -0.81 8.71
N GLU A 154 9.82 -0.93 9.86
CA GLU A 154 9.28 -0.38 11.12
C GLU A 154 9.21 1.14 11.16
N MET A 155 10.14 1.80 10.44
CA MET A 155 10.15 3.26 10.30
C MET A 155 8.94 3.71 9.48
N VAL A 156 8.70 2.99 8.39
CA VAL A 156 7.66 3.28 7.43
C VAL A 156 6.32 3.05 8.10
N TYR A 157 6.19 1.90 8.75
CA TYR A 157 5.01 1.52 9.50
C TYR A 157 4.56 2.56 10.53
N ARG A 158 5.53 3.08 11.27
CA ARG A 158 5.31 4.07 12.30
C ARG A 158 4.49 5.30 11.84
N PHE A 159 4.74 5.81 10.64
CA PHE A 159 4.12 7.03 10.16
C PHE A 159 2.90 6.74 9.29
N THR A 160 2.61 5.46 9.05
CA THR A 160 1.60 5.10 8.06
C THR A 160 0.45 4.28 8.65
N ALA A 161 0.70 2.99 8.88
CA ALA A 161 -0.30 2.04 9.36
C ALA A 161 -0.50 2.10 10.87
N ARG A 162 0.57 2.38 11.61
CA ARG A 162 0.51 2.45 13.08
C ARG A 162 -0.55 3.41 13.66
N PRO A 163 -0.66 4.66 13.14
CA PRO A 163 -1.70 5.56 13.66
C PRO A 163 -3.12 5.07 13.41
N LEU A 164 -3.26 4.14 12.48
CA LEU A 164 -4.59 3.69 12.07
C LEU A 164 -5.08 2.55 12.92
N VAL A 165 -4.19 1.96 13.73
CA VAL A 165 -4.55 0.85 14.62
C VAL A 165 -5.54 1.33 15.71
N GLU A 166 -5.32 2.54 16.22
CA GLU A 166 -6.26 3.19 17.13
C GLU A 166 -7.62 3.43 16.46
N THR A 167 -7.62 3.68 15.16
CA THR A 167 -8.88 3.90 14.43
C THR A 167 -9.88 2.77 14.63
N ILE A 168 -9.41 1.52 14.59
CA ILE A 168 -10.28 0.35 14.58
C ILE A 168 -10.78 0.02 15.98
N PHE A 169 -9.98 0.36 17.00
CA PHE A 169 -10.40 0.22 18.38
C PHE A 169 -11.42 1.30 18.75
N GLU A 170 -11.31 2.46 18.11
CA GLU A 170 -12.32 3.53 18.20
C GLU A 170 -13.51 3.24 17.27
N ARG A 171 -13.53 2.03 16.69
CA ARG A 171 -14.65 1.51 15.88
C ARG A 171 -14.70 2.02 14.43
N GLY A 172 -13.53 2.42 13.91
CA GLY A 172 -13.43 2.90 12.56
C GLY A 172 -13.02 1.83 11.57
N MET A 173 -12.95 2.23 10.31
CA MET A 173 -12.43 1.40 9.21
C MET A 173 -11.15 2.01 8.70
N ALA A 174 -10.07 1.25 8.68
CA ALA A 174 -8.77 1.76 8.21
C ALA A 174 -8.31 0.95 7.03
N THR A 175 -7.64 1.64 6.08
CA THR A 175 -6.97 0.98 4.96
C THR A 175 -5.57 1.51 4.74
N CYS A 176 -4.70 0.63 4.26
CA CYS A 176 -3.34 0.97 3.94
C CYS A 176 -3.05 0.29 2.65
N PHE A 177 -2.73 1.07 1.62
CA PHE A 177 -2.39 0.55 0.31
C PHE A 177 -0.92 0.71 0.00
N ALA A 178 -0.37 -0.30 -0.64
CA ALA A 178 0.94 -0.21 -1.25
C ALA A 178 0.77 -0.18 -2.78
N TYR A 179 1.20 0.94 -3.38
CA TYR A 179 0.96 1.24 -4.78
C TYR A 179 2.31 1.51 -5.50
N GLY A 180 2.49 0.90 -6.66
CA GLY A 180 3.68 1.13 -7.47
C GLY A 180 4.00 0.02 -8.45
N GLN A 181 5.11 0.16 -9.18
CA GLN A 181 5.44 -0.79 -10.22
C GLN A 181 5.89 -2.15 -9.66
N THR A 182 5.73 -3.18 -10.47
CA THR A 182 6.26 -4.47 -10.13
C THR A 182 7.76 -4.36 -9.87
N GLY A 183 8.18 -4.88 -8.72
CA GLY A 183 9.59 -4.91 -8.36
C GLY A 183 9.98 -3.78 -7.43
N SER A 184 9.06 -2.84 -7.14
CA SER A 184 9.43 -1.60 -6.42
C SER A 184 9.40 -1.72 -4.90
N GLY A 185 8.78 -2.76 -4.40
CA GLY A 185 8.80 -3.04 -2.93
C GLY A 185 7.50 -3.08 -2.17
N LYS A 186 6.37 -3.23 -2.88
CA LYS A 186 5.02 -3.31 -2.24
C LYS A 186 4.91 -4.48 -1.30
N THR A 187 5.28 -5.67 -1.79
CA THR A 187 5.21 -6.90 -1.01
C THR A 187 6.25 -6.89 0.13
N HIS A 188 7.46 -6.42 -0.15
CA HIS A 188 8.43 -6.21 0.90
C HIS A 188 7.83 -5.36 2.03
N THR A 189 7.02 -4.38 1.66
CA THR A 189 6.48 -3.40 2.62
C THR A 189 5.32 -3.98 3.43
N MET A 190 4.40 -4.64 2.74
CA MET A 190 3.16 -5.16 3.36
C MET A 190 3.34 -6.52 3.98
N GLY A 191 3.94 -7.45 3.21
CA GLY A 191 4.01 -8.84 3.62
C GLY A 191 5.36 -9.27 4.11
N GLY A 192 6.43 -8.68 3.57
CA GLY A 192 7.77 -9.27 3.66
C GLY A 192 8.17 -9.82 2.27
N SER A 202 7.73 -11.23 9.24
CA SER A 202 7.53 -10.71 10.62
C SER A 202 7.76 -9.23 10.68
N LYS A 203 8.46 -8.72 9.67
CA LYS A 203 8.79 -7.31 9.60
C LYS A 203 7.95 -6.57 8.55
N GLY A 204 7.01 -7.25 7.88
CA GLY A 204 6.05 -6.61 6.99
C GLY A 204 4.91 -5.90 7.71
N ILE A 205 4.22 -4.98 7.04
CA ILE A 205 3.19 -4.15 7.68
C ILE A 205 1.94 -4.95 8.25
N TYR A 206 1.47 -5.98 7.54
CA TYR A 206 0.41 -6.84 8.11
C TYR A 206 0.75 -7.28 9.53
N ALA A 207 1.98 -7.77 9.72
CA ALA A 207 2.44 -8.35 10.97
C ALA A 207 2.71 -7.30 12.06
N LEU A 208 3.29 -6.17 11.67
CA LEU A 208 3.57 -5.06 12.61
C LEU A 208 2.30 -4.44 13.15
N ALA A 209 1.28 -4.30 12.28
CA ALA A 209 -0.06 -3.91 12.70
C ALA A 209 -0.65 -4.98 13.65
N ALA A 210 -0.58 -6.26 13.26
CA ALA A 210 -1.12 -7.34 14.08
C ALA A 210 -0.47 -7.30 15.48
N ARG A 211 0.83 -7.08 15.52
CA ARG A 211 1.54 -6.96 16.79
C ARG A 211 0.83 -5.91 17.66
N ASP A 212 0.71 -4.69 17.14
CA ASP A 212 0.15 -3.57 17.89
C ASP A 212 -1.31 -3.75 18.30
N VAL A 213 -2.07 -4.44 17.46
CA VAL A 213 -3.44 -4.81 17.78
C VAL A 213 -3.55 -5.63 19.07
N PHE A 214 -2.72 -6.68 19.19
CA PHE A 214 -2.71 -7.54 20.37
C PHE A 214 -2.17 -6.83 21.61
N LEU A 215 -1.32 -5.83 21.39
CA LEU A 215 -0.80 -5.00 22.49
C LEU A 215 -1.85 -4.00 22.97
N MET A 216 -2.46 -3.27 22.03
CA MET A 216 -3.58 -2.35 22.34
C MET A 216 -4.69 -3.05 23.13
N LEU A 217 -4.93 -4.30 22.78
CA LEU A 217 -5.96 -5.16 23.35
C LEU A 217 -5.79 -5.38 24.87
N LYS A 218 -4.56 -5.27 25.36
CA LYS A 218 -4.27 -5.41 26.80
C LYS A 218 -4.49 -4.07 27.57
N LYS A 219 -4.52 -2.95 26.84
CA LYS A 219 -4.81 -1.63 27.47
C LYS A 219 -6.20 -1.61 28.13
N PRO A 220 -6.32 -0.94 29.31
CA PRO A 220 -7.52 -1.08 30.17
C PRO A 220 -8.86 -0.70 29.49
N ASN A 221 -8.82 0.31 28.61
CA ASN A 221 -9.99 0.72 27.80
C ASN A 221 -10.57 -0.43 26.99
N TYR A 222 -9.69 -1.30 26.49
CA TYR A 222 -10.06 -2.29 25.50
C TYR A 222 -10.10 -3.68 26.08
N LYS A 223 -9.33 -3.89 27.15
CA LYS A 223 -9.33 -5.19 27.86
C LYS A 223 -10.74 -5.58 28.30
N LYS A 224 -11.54 -4.58 28.67
CA LYS A 224 -12.88 -4.82 29.23
C LYS A 224 -13.95 -5.08 28.17
N LEU A 225 -13.57 -4.95 26.91
CA LEU A 225 -14.53 -5.03 25.81
C LEU A 225 -14.88 -6.45 25.31
N GLU A 226 -14.11 -7.46 25.74
CA GLU A 226 -14.30 -8.86 25.28
C GLU A 226 -14.12 -9.01 23.75
N LEU A 227 -13.18 -8.23 23.19
CA LEU A 227 -12.95 -8.24 21.75
C LEU A 227 -12.19 -9.47 21.29
N GLN A 228 -12.50 -9.89 20.06
CA GLN A 228 -11.79 -10.97 19.39
C GLN A 228 -11.29 -10.50 18.03
N VAL A 229 -10.17 -11.06 17.62
CA VAL A 229 -9.44 -10.59 16.44
C VAL A 229 -9.49 -11.71 15.42
N TYR A 230 -9.78 -11.34 14.17
CA TYR A 230 -9.90 -12.30 13.07
C TYR A 230 -9.16 -11.80 11.86
N ALA A 231 -8.77 -12.71 11.00
CA ALA A 231 -8.06 -12.31 9.83
C ALA A 231 -8.66 -12.97 8.61
N THR A 232 -8.58 -12.23 7.51
CA THR A 232 -8.89 -12.75 6.19
C THR A 232 -7.70 -12.37 5.28
N PHE A 233 -7.47 -13.14 4.20
CA PHE A 233 -6.45 -12.81 3.22
C PHE A 233 -7.09 -13.21 1.88
N PHE A 234 -7.31 -12.27 0.99
CA PHE A 234 -7.87 -12.63 -0.32
C PHE A 234 -7.25 -11.79 -1.45
N GLU A 235 -7.49 -12.20 -2.69
CA GLU A 235 -7.01 -11.44 -3.82
C GLU A 235 -8.11 -10.98 -4.70
N ILE A 236 -7.85 -9.88 -5.36
CA ILE A 236 -8.66 -9.43 -6.44
C ILE A 236 -7.82 -9.59 -7.74
N TYR A 237 -8.31 -10.44 -8.63
CA TYR A 237 -7.64 -10.72 -9.85
C TYR A 237 -8.65 -10.66 -10.96
N SER A 238 -8.39 -9.78 -11.91
CA SER A 238 -9.14 -9.71 -13.17
C SER A 238 -10.65 -9.47 -12.93
N GLY A 239 -10.93 -8.69 -11.89
CA GLY A 239 -12.26 -8.25 -11.57
C GLY A 239 -13.01 -9.21 -10.70
N LYS A 240 -12.32 -10.22 -10.17
CA LYS A 240 -12.96 -11.25 -9.31
C LYS A 240 -12.17 -11.49 -8.03
N VAL A 241 -12.84 -12.08 -7.04
CA VAL A 241 -12.28 -12.31 -5.72
C VAL A 241 -11.96 -13.79 -5.55
N PHE A 242 -10.81 -14.07 -4.99
CA PHE A 242 -10.39 -15.45 -4.71
C PHE A 242 -9.83 -15.47 -3.32
N ASP A 243 -10.13 -16.52 -2.58
CA ASP A 243 -9.67 -16.67 -1.17
C ASP A 243 -8.22 -17.23 -1.13
N LEU A 244 -7.29 -16.44 -0.62
CA LEU A 244 -5.92 -16.90 -0.41
C LEU A 244 -5.75 -17.88 0.78
N LEU A 245 -6.77 -17.98 1.63
CA LEU A 245 -6.74 -18.89 2.77
C LEU A 245 -7.53 -20.18 2.45
N ASN A 246 -8.13 -20.21 1.27
CA ASN A 246 -8.84 -21.36 0.81
C ASN A 246 -8.59 -21.60 -0.69
N ARG A 247 -7.31 -21.74 -1.05
CA ARG A 247 -6.91 -22.29 -2.36
C ARG A 247 -7.37 -21.50 -3.58
N LYS A 248 -7.48 -20.18 -3.46
CA LYS A 248 -7.95 -19.31 -4.56
C LYS A 248 -9.36 -19.71 -5.04
N THR A 249 -10.19 -20.19 -4.14
CA THR A 249 -11.56 -20.43 -4.51
C THR A 249 -12.22 -19.09 -4.75
N LYS A 250 -12.97 -19.03 -5.86
CA LYS A 250 -13.65 -17.84 -6.34
C LYS A 250 -14.90 -17.60 -5.51
N LEU A 251 -15.08 -16.36 -5.05
CA LEU A 251 -16.11 -16.00 -4.12
C LEU A 251 -16.96 -14.92 -4.76
N ARG A 252 -18.24 -14.89 -4.41
CA ARG A 252 -19.15 -13.87 -4.91
C ARG A 252 -19.24 -12.76 -3.91
N VAL A 253 -19.50 -11.56 -4.39
CA VAL A 253 -19.60 -10.40 -3.54
C VAL A 253 -21.04 -9.92 -3.61
N LEU A 254 -21.66 -9.69 -2.45
CA LEU A 254 -23.02 -9.10 -2.41
C LEU A 254 -22.91 -7.76 -1.77
N GLU A 255 -23.21 -6.71 -2.52
CA GLU A 255 -23.04 -5.34 -2.01
C GLU A 255 -24.35 -4.57 -1.95
N ASP A 256 -25.14 -4.66 -3.01
CA ASP A 256 -26.33 -3.84 -3.16
C ASP A 256 -27.36 -4.02 -2.03
N GLY A 257 -27.60 -2.95 -1.26
CA GLY A 257 -28.59 -2.97 -0.15
C GLY A 257 -28.19 -3.70 1.13
N LYS A 258 -26.96 -4.21 1.17
CA LYS A 258 -26.43 -4.89 2.35
C LYS A 258 -25.82 -3.85 3.28
N GLN A 259 -26.14 -3.94 4.57
CA GLN A 259 -25.60 -3.05 5.62
C GLN A 259 -24.07 -3.20 5.73
N GLN A 260 -23.61 -4.43 5.48
CA GLN A 260 -22.21 -4.77 5.35
C GLN A 260 -22.08 -5.57 4.07
N VAL A 261 -21.11 -5.16 3.22
CA VAL A 261 -20.72 -5.91 2.01
C VAL A 261 -20.38 -7.35 2.41
N GLN A 262 -20.97 -8.31 1.73
CA GLN A 262 -20.73 -9.70 2.03
C GLN A 262 -19.88 -10.33 0.93
N VAL A 263 -18.72 -10.87 1.32
CA VAL A 263 -17.92 -11.71 0.45
C VAL A 263 -18.26 -13.15 0.83
N VAL A 264 -19.04 -13.79 -0.01
CA VAL A 264 -19.71 -15.05 0.35
C VAL A 264 -18.73 -16.22 0.37
N GLY A 265 -18.50 -16.75 1.56
CA GLY A 265 -17.66 -17.92 1.76
C GLY A 265 -16.25 -17.59 2.19
N LEU A 266 -15.97 -16.31 2.41
CA LEU A 266 -14.61 -15.87 2.72
C LEU A 266 -14.18 -16.39 4.08
N GLN A 267 -13.02 -17.05 4.12
CA GLN A 267 -12.54 -17.65 5.34
C GLN A 267 -12.10 -16.56 6.28
N GLU A 268 -12.74 -16.52 7.43
CA GLU A 268 -12.38 -15.62 8.52
C GLU A 268 -11.80 -16.47 9.63
N ARG A 269 -10.56 -16.20 10.01
CA ARG A 269 -9.89 -17.03 11.02
C ARG A 269 -9.47 -16.26 12.24
N GLU A 270 -9.94 -16.71 13.40
CA GLU A 270 -9.53 -16.11 14.68
C GLU A 270 -8.04 -16.28 14.92
N VAL A 271 -7.41 -15.19 15.32
CA VAL A 271 -5.99 -15.18 15.63
C VAL A 271 -5.79 -14.62 17.04
N LYS A 272 -4.82 -15.14 17.79
CA LYS A 272 -4.65 -14.70 19.17
C LYS A 272 -3.26 -14.12 19.45
N CYS A 273 -2.39 -14.17 18.45
CA CYS A 273 -1.02 -13.66 18.57
C CYS A 273 -0.42 -13.52 17.18
N VAL A 274 0.68 -12.74 17.10
CA VAL A 274 1.37 -12.42 15.86
C VAL A 274 1.74 -13.69 15.08
N GLU A 275 2.12 -14.73 15.81
CA GLU A 275 2.53 -16.01 15.24
C GLU A 275 1.39 -16.68 14.43
N ASP A 276 0.15 -16.53 14.91
CA ASP A 276 -1.04 -16.99 14.20
C ASP A 276 -1.20 -16.24 12.87
N VAL A 277 -0.81 -14.98 12.88
CA VAL A 277 -0.96 -14.12 11.72
C VAL A 277 0.13 -14.40 10.68
N LEU A 278 1.35 -14.64 11.16
CA LEU A 278 2.48 -14.93 10.29
C LEU A 278 2.22 -16.18 9.49
N LYS A 279 1.55 -17.16 10.12
CA LYS A 279 1.18 -18.40 9.45
C LYS A 279 0.21 -18.14 8.33
N LEU A 280 -0.75 -17.23 8.55
CA LEU A 280 -1.73 -16.91 7.53
C LEU A 280 -1.10 -16.14 6.39
N ILE A 281 -0.18 -15.23 6.71
CA ILE A 281 0.51 -14.42 5.68
C ILE A 281 1.35 -15.35 4.79
N ASP A 282 2.02 -16.32 5.43
CA ASP A 282 2.85 -17.27 4.72
C ASP A 282 2.03 -18.14 3.79
N ILE A 283 0.88 -18.60 4.28
CA ILE A 283 -0.06 -19.42 3.51
C ILE A 283 -0.62 -18.64 2.31
N GLY A 284 -1.16 -17.44 2.54
CA GLY A 284 -1.74 -16.62 1.46
C GLY A 284 -0.73 -16.18 0.42
N ASN A 285 0.47 -15.81 0.87
CA ASN A 285 1.54 -15.46 -0.07
C ASN A 285 1.91 -16.61 -1.01
N SER A 286 2.07 -17.83 -0.50
CA SER A 286 2.42 -18.89 -1.45
C SER A 286 1.20 -19.34 -2.25
N CYS A 287 0.02 -19.07 -1.74
CA CYS A 287 -1.15 -19.32 -2.56
C CYS A 287 -1.10 -18.33 -3.68
N ARG A 288 -0.90 -17.05 -3.38
CA ARG A 288 -0.89 -15.99 -4.38
C ARG A 288 0.15 -16.21 -5.51
N THR A 289 1.31 -16.71 -5.14
CA THR A 289 2.39 -16.85 -6.06
C THR A 289 2.45 -18.24 -6.70
N HIS A 298 1.34 -13.81 -11.64
CA HIS A 298 0.02 -13.68 -11.02
C HIS A 298 0.03 -12.73 -9.79
N SER A 299 1.02 -12.89 -8.91
CA SER A 299 1.20 -12.04 -7.72
C SER A 299 1.42 -10.56 -8.05
N SER A 300 1.89 -10.30 -9.27
CA SER A 300 2.11 -8.92 -9.75
C SER A 300 0.91 -8.37 -10.49
N ARG A 301 -0.05 -9.25 -10.81
CA ARG A 301 -1.24 -8.85 -11.55
C ARG A 301 -2.55 -8.97 -10.72
N SER A 302 -2.40 -9.06 -9.40
CA SER A 302 -3.56 -9.07 -8.52
C SER A 302 -3.29 -8.18 -7.32
N HIS A 303 -4.36 -7.70 -6.69
CA HIS A 303 -4.31 -7.03 -5.38
C HIS A 303 -4.53 -8.07 -4.30
N ALA A 304 -3.67 -8.10 -3.28
CA ALA A 304 -3.86 -8.98 -2.12
C ALA A 304 -4.33 -8.11 -0.99
N VAL A 305 -5.41 -8.54 -0.36
CA VAL A 305 -5.97 -7.82 0.74
C VAL A 305 -5.89 -8.63 2.04
N PHE A 306 -5.13 -8.14 3.02
CA PHE A 306 -5.11 -8.80 4.34
C PHE A 306 -5.99 -7.97 5.32
N GLN A 307 -6.95 -8.60 5.99
CA GLN A 307 -7.80 -7.86 6.98
C GLN A 307 -7.60 -8.29 8.41
N ILE A 308 -7.49 -7.31 9.30
CA ILE A 308 -7.51 -7.52 10.75
C ILE A 308 -8.85 -7.03 11.22
N ILE A 309 -9.61 -7.93 11.84
CA ILE A 309 -11.01 -7.66 12.15
C ILE A 309 -11.33 -7.80 13.63
N LEU A 310 -11.78 -6.71 14.25
CA LEU A 310 -12.27 -6.71 15.63
C LEU A 310 -13.76 -7.03 15.73
N ARG A 311 -14.08 -7.89 16.66
CA ARG A 311 -15.44 -8.33 16.86
C ARG A 311 -15.73 -8.36 18.34
N ARG A 312 -16.93 -7.96 18.71
CA ARG A 312 -17.40 -8.01 20.09
C ARG A 312 -17.96 -9.41 20.39
N LYS A 313 -19.16 -9.68 19.91
CA LYS A 313 -19.79 -10.97 20.15
C LYS A 313 -20.18 -11.56 18.81
N GLY A 314 -19.26 -11.42 17.84
CA GLY A 314 -19.55 -11.70 16.44
C GLY A 314 -19.95 -10.43 15.72
N LYS A 315 -20.28 -9.40 16.50
CA LYS A 315 -20.63 -8.08 15.97
C LYS A 315 -19.36 -7.30 15.68
N LEU A 316 -19.35 -6.61 14.55
CA LEU A 316 -18.15 -5.94 14.06
C LEU A 316 -17.84 -4.68 14.87
N HIS A 317 -16.61 -4.60 15.34
CA HIS A 317 -16.15 -3.44 16.08
C HIS A 317 -15.30 -2.51 15.15
N GLY A 318 -14.41 -3.10 14.37
CA GLY A 318 -13.56 -2.34 13.45
C GLY A 318 -12.83 -3.26 12.49
N LYS A 319 -12.29 -2.69 11.42
CA LYS A 319 -11.53 -3.47 10.43
C LYS A 319 -10.37 -2.67 9.88
N PHE A 320 -9.17 -3.24 9.94
CA PHE A 320 -8.02 -2.74 9.23
C PHE A 320 -7.77 -3.62 8.00
N SER A 321 -8.02 -3.08 6.80
CA SER A 321 -7.73 -3.76 5.54
C SER A 321 -6.39 -3.26 5.00
N LEU A 322 -5.51 -4.19 4.63
CA LEU A 322 -4.15 -3.83 4.21
C LEU A 322 -3.94 -4.38 2.82
N ILE A 323 -3.65 -3.49 1.89
CA ILE A 323 -3.68 -3.85 0.48
C ILE A 323 -2.30 -3.78 -0.21
N ASP A 324 -1.88 -4.93 -0.77
CA ASP A 324 -0.74 -5.00 -1.63
C ASP A 324 -1.25 -5.01 -3.07
N LEU A 325 -1.16 -3.88 -3.73
CA LEU A 325 -1.82 -3.68 -5.01
C LEU A 325 -1.07 -4.36 -6.15
N ALA A 326 -1.79 -4.60 -7.24
CA ALA A 326 -1.19 -5.03 -8.50
C ALA A 326 -0.31 -3.88 -9.04
N GLY A 327 0.77 -4.24 -9.73
CA GLY A 327 1.66 -3.29 -10.39
C GLY A 327 0.91 -2.32 -11.26
N ASN A 328 1.21 -1.04 -11.10
CA ASN A 328 0.56 0.02 -11.83
C ASN A 328 1.14 0.28 -13.24
N GLU A 329 2.22 -0.42 -13.59
CA GLU A 329 2.87 -0.25 -14.91
C GLU A 329 1.96 -0.79 -16.01
N ARG A 330 1.93 -0.10 -17.14
CA ARG A 330 0.90 -0.37 -18.16
C ARG A 330 1.42 -0.32 -19.60
N ASP A 338 -1.09 -10.55 -25.51
CA ASP A 338 -2.25 -11.47 -25.67
C ASP A 338 -3.49 -11.13 -24.76
N ARG A 339 -4.62 -11.82 -25.01
CA ARG A 339 -5.93 -11.43 -24.40
C ARG A 339 -6.01 -11.47 -22.88
N GLN A 340 -5.52 -12.55 -22.27
CA GLN A 340 -5.55 -12.65 -20.81
C GLN A 340 -4.73 -11.54 -20.20
N THR A 341 -3.54 -11.29 -20.75
CA THR A 341 -2.65 -10.24 -20.25
C THR A 341 -3.27 -8.83 -20.38
N ARG A 342 -3.95 -8.58 -21.49
CA ARG A 342 -4.58 -7.28 -21.71
C ARG A 342 -5.80 -7.11 -20.79
N LEU A 343 -6.53 -8.19 -20.56
CA LEU A 343 -7.64 -8.19 -19.60
C LEU A 343 -7.19 -7.84 -18.18
N GLU A 344 -6.10 -8.48 -17.73
CA GLU A 344 -5.59 -8.22 -16.40
C GLU A 344 -5.14 -6.80 -16.28
N GLY A 345 -4.50 -6.25 -17.30
CA GLY A 345 -4.04 -4.89 -17.19
C GLY A 345 -5.15 -3.85 -17.27
N ALA A 346 -6.16 -4.13 -18.10
CA ALA A 346 -7.31 -3.27 -18.22
C ALA A 346 -8.12 -3.23 -16.89
N GLU A 347 -8.23 -4.40 -16.24
CA GLU A 347 -8.89 -4.55 -14.96
C GLU A 347 -8.11 -3.94 -13.80
N ILE A 348 -6.79 -4.15 -13.81
CA ILE A 348 -5.91 -3.47 -12.85
C ILE A 348 -6.06 -1.94 -12.92
N ASN A 349 -5.86 -1.38 -14.09
CA ASN A 349 -5.91 0.08 -14.30
C ASN A 349 -7.32 0.70 -14.10
N LYS A 350 -8.38 -0.01 -14.52
CA LYS A 350 -9.73 0.40 -14.15
C LYS A 350 -9.80 0.58 -12.64
N SER A 351 -9.32 -0.42 -11.90
CA SER A 351 -9.43 -0.42 -10.46
C SER A 351 -8.57 0.63 -9.75
N LEU A 352 -7.44 1.01 -10.34
CA LEU A 352 -6.57 2.08 -9.81
C LEU A 352 -7.11 3.48 -10.05
N LEU A 353 -7.84 3.67 -11.13
CA LEU A 353 -8.61 4.89 -11.32
C LEU A 353 -9.74 4.98 -10.28
N ALA A 354 -10.44 3.88 -10.07
CA ALA A 354 -11.54 3.85 -9.11
C ALA A 354 -11.05 4.08 -7.68
N LEU A 355 -9.92 3.45 -7.36
CA LEU A 355 -9.30 3.58 -6.05
C LEU A 355 -8.97 5.06 -5.75
N LYS A 356 -8.38 5.76 -6.71
CA LYS A 356 -8.03 7.17 -6.55
C LYS A 356 -9.26 8.04 -6.32
N GLU A 357 -10.28 7.86 -7.14
CA GLU A 357 -11.53 8.54 -6.92
C GLU A 357 -12.14 8.22 -5.55
N CYS A 358 -12.07 6.96 -5.11
CA CYS A 358 -12.69 6.57 -3.83
C CYS A 358 -11.97 7.19 -2.63
N ILE A 359 -10.62 7.21 -2.69
CA ILE A 359 -9.80 7.84 -1.64
C ILE A 359 -10.04 9.35 -1.60
N ARG A 360 -10.23 9.94 -2.77
CA ARG A 360 -10.51 11.34 -2.80
C ARG A 360 -11.91 11.71 -2.30
N ALA A 361 -12.89 10.87 -2.62
CA ALA A 361 -14.26 10.96 -2.10
C ALA A 361 -14.25 10.87 -0.57
N LEU A 362 -13.49 9.90 -0.06
CA LEU A 362 -13.27 9.75 1.37
C LEU A 362 -12.85 11.08 2.04
N GLY A 363 -11.97 11.86 1.39
CA GLY A 363 -11.57 13.19 1.89
C GLY A 363 -12.56 14.33 1.66
N ARG A 364 -13.30 14.29 0.54
CA ARG A 364 -14.16 15.44 0.19
C ARG A 364 -15.68 15.21 0.33
N ASN A 365 -16.17 14.01 -0.03
CA ASN A 365 -17.59 13.79 -0.31
C ASN A 365 -17.91 12.29 -0.37
N LYS A 366 -17.99 11.66 0.80
CA LYS A 366 -18.29 10.20 0.89
C LYS A 366 -19.60 9.72 0.15
N PRO A 367 -20.68 10.55 0.16
CA PRO A 367 -21.88 10.18 -0.64
C PRO A 367 -21.61 9.98 -2.15
N HIS A 368 -20.59 10.66 -2.67
CA HIS A 368 -20.23 10.56 -4.06
C HIS A 368 -19.06 9.62 -4.34
N THR A 369 -18.78 8.72 -3.41
CA THR A 369 -17.74 7.69 -3.59
C THR A 369 -18.14 6.71 -4.72
N PRO A 370 -17.38 6.70 -5.83
CA PRO A 370 -17.71 5.75 -6.89
C PRO A 370 -17.22 4.31 -6.66
N PHE A 371 -17.57 3.76 -5.51
CA PHE A 371 -17.08 2.45 -5.09
C PHE A 371 -17.55 1.29 -6.00
N ARG A 372 -18.58 1.51 -6.80
CA ARG A 372 -19.04 0.49 -7.70
C ARG A 372 -18.25 0.44 -9.00
N ALA A 373 -17.33 1.39 -9.19
CA ALA A 373 -16.48 1.41 -10.37
C ALA A 373 -15.47 0.24 -10.53
N SER A 374 -15.28 -0.57 -9.49
CA SER A 374 -14.40 -1.74 -9.57
C SER A 374 -14.70 -2.70 -8.45
N LYS A 375 -14.24 -3.92 -8.59
CA LYS A 375 -14.35 -4.97 -7.58
C LYS A 375 -13.54 -4.67 -6.31
N LEU A 376 -12.39 -4.04 -6.50
CA LEU A 376 -11.53 -3.70 -5.41
C LEU A 376 -12.24 -2.71 -4.48
N THR A 377 -12.83 -1.67 -5.07
CA THR A 377 -13.45 -0.62 -4.30
C THR A 377 -14.87 -1.02 -3.79
N GLN A 378 -15.53 -1.94 -4.50
CA GLN A 378 -16.83 -2.44 -4.10
C GLN A 378 -16.72 -3.23 -2.79
N VAL A 379 -15.76 -4.17 -2.74
CA VAL A 379 -15.49 -4.99 -1.58
C VAL A 379 -15.16 -4.12 -0.38
N LEU A 380 -14.46 -3.02 -0.64
CA LEU A 380 -14.01 -2.07 0.39
C LEU A 380 -14.92 -0.87 0.55
N ARG A 381 -16.08 -0.90 -0.10
CA ARG A 381 -17.10 0.18 0.01
C ARG A 381 -17.03 0.85 1.38
N ASP A 382 -17.14 0.07 2.46
CA ASP A 382 -17.36 0.62 3.80
C ASP A 382 -16.11 1.24 4.48
N SER A 383 -14.96 1.02 3.85
CA SER A 383 -13.71 1.62 4.28
C SER A 383 -13.50 2.99 3.64
N PHE A 384 -14.36 3.35 2.68
CA PHE A 384 -14.37 4.70 2.09
C PHE A 384 -15.50 5.55 2.60
N ILE A 385 -16.68 4.96 2.84
CA ILE A 385 -17.89 5.74 3.15
C ILE A 385 -18.26 5.78 4.62
N GLY A 386 -17.70 4.87 5.41
CA GLY A 386 -17.90 4.86 6.85
C GLY A 386 -17.51 6.17 7.52
N GLU A 387 -18.23 6.52 8.58
CA GLU A 387 -18.07 7.79 9.32
C GLU A 387 -16.65 8.02 9.83
N ASN A 388 -16.01 6.97 10.33
CA ASN A 388 -14.66 7.10 10.87
C ASN A 388 -13.71 6.29 10.01
N SER A 389 -13.53 6.72 8.76
CA SER A 389 -12.68 6.00 7.80
C SER A 389 -11.40 6.78 7.58
N ARG A 390 -10.30 6.05 7.56
CA ARG A 390 -9.00 6.66 7.43
C ARG A 390 -8.18 5.80 6.51
N THR A 391 -7.36 6.45 5.71
CA THR A 391 -6.62 5.73 4.71
C THR A 391 -5.14 6.16 4.61
N CYS A 392 -4.34 5.23 4.11
CA CYS A 392 -2.95 5.48 3.84
C CYS A 392 -2.52 4.80 2.54
N MET A 393 -1.73 5.53 1.75
CA MET A 393 -1.08 5.01 0.55
C MET A 393 0.42 5.18 0.64
N ILE A 394 1.15 4.07 0.43
CA ILE A 394 2.60 4.07 0.27
C ILE A 394 2.92 3.77 -1.20
N ALA A 395 3.41 4.81 -1.91
CA ALA A 395 3.90 4.70 -3.26
C ALA A 395 5.37 4.25 -3.25
N THR A 396 5.60 3.04 -3.71
CA THR A 396 6.90 2.43 -3.71
C THR A 396 7.52 2.70 -5.07
N ILE A 397 8.81 3.04 -5.09
CA ILE A 397 9.53 3.32 -6.33
C ILE A 397 10.91 2.63 -6.37
N SER A 398 11.19 2.07 -7.53
CA SER A 398 12.53 1.58 -7.87
C SER A 398 13.38 2.79 -8.29
N PRO A 399 14.70 2.77 -7.94
CA PRO A 399 15.55 3.97 -8.16
C PRO A 399 16.29 4.08 -9.52
N GLY A 400 16.20 3.03 -10.34
CA GLY A 400 17.03 2.89 -11.54
C GLY A 400 16.60 3.80 -12.65
N MET A 401 17.58 4.28 -13.45
CA MET A 401 17.33 5.14 -14.58
C MET A 401 16.34 4.47 -15.51
N ALA A 402 16.48 3.17 -15.71
CA ALA A 402 15.62 2.44 -16.64
C ALA A 402 14.13 2.40 -16.16
N SER A 403 13.93 2.43 -14.84
CA SER A 403 12.61 2.53 -14.21
C SER A 403 12.01 3.95 -14.11
N CYS A 404 12.78 4.96 -14.50
CA CYS A 404 12.41 6.37 -14.36
C CYS A 404 11.02 6.83 -14.83
N GLU A 405 10.63 6.47 -16.04
CA GLU A 405 9.32 6.81 -16.55
C GLU A 405 8.20 6.21 -15.62
N ASN A 406 8.38 4.94 -15.22
CA ASN A 406 7.49 4.24 -14.31
C ASN A 406 7.42 4.91 -12.95
N THR A 407 8.56 5.34 -12.46
CA THR A 407 8.63 6.09 -11.22
C THR A 407 7.84 7.35 -11.31
N LEU A 408 8.03 8.13 -12.38
CA LEU A 408 7.30 9.37 -12.58
C LEU A 408 5.80 9.17 -12.64
N ASN A 409 5.33 8.16 -13.40
CA ASN A 409 3.89 7.75 -13.37
C ASN A 409 3.33 7.44 -11.95
N THR A 410 4.15 6.76 -11.14
CA THR A 410 3.79 6.46 -9.77
C THR A 410 3.67 7.71 -8.90
N LEU A 411 4.64 8.61 -9.03
CA LEU A 411 4.67 9.84 -8.25
C LEU A 411 3.54 10.77 -8.67
N ARG A 412 3.31 10.83 -9.97
CA ARG A 412 2.17 11.57 -10.51
C ARG A 412 0.81 11.15 -9.95
N TYR A 413 0.56 9.84 -9.96
CA TYR A 413 -0.67 9.32 -9.42
C TYR A 413 -0.75 9.60 -7.92
N ALA A 414 0.35 9.38 -7.19
CA ALA A 414 0.32 9.59 -5.72
C ALA A 414 0.14 11.05 -5.39
N ASN A 415 0.77 11.91 -6.17
CA ASN A 415 0.64 13.35 -6.05
C ASN A 415 -0.81 13.89 -6.28
N ARG A 416 -1.63 13.10 -6.99
CA ARG A 416 -2.98 13.49 -7.39
C ARG A 416 -4.12 12.88 -6.54
N VAL A 417 -3.74 12.20 -5.44
CA VAL A 417 -4.66 11.53 -4.50
C VAL A 417 -4.97 12.35 -3.21
MG MG B . 4.46 -8.08 -5.14
PB ADP C . 6.60 -5.67 -5.69
O1B ADP C . 6.63 -6.40 -7.01
O2B ADP C . 6.38 -4.20 -5.77
O3B ADP C . 5.73 -6.32 -4.62
PA ADP C . 8.74 -6.75 -4.02
O1A ADP C . 8.36 -6.11 -2.73
O2A ADP C . 8.65 -8.23 -4.27
O3A ADP C . 8.12 -5.87 -5.21
O5' ADP C . 10.32 -6.43 -4.15
C5' ADP C . 11.18 -6.98 -5.18
C4' ADP C . 12.53 -7.44 -4.58
O4' ADP C . 13.22 -6.34 -4.00
C3' ADP C . 12.36 -8.46 -3.46
O3' ADP C . 13.44 -9.38 -3.62
C2' ADP C . 12.48 -7.65 -2.18
O2' ADP C . 12.96 -8.40 -1.03
C1' ADP C . 13.40 -6.49 -2.57
N9 ADP C . 13.10 -5.20 -1.87
C8 ADP C . 12.01 -4.41 -2.09
N7 ADP C . 12.02 -3.29 -1.29
C5 ADP C . 13.12 -3.36 -0.52
C6 ADP C . 13.72 -2.51 0.55
N6 ADP C . 13.11 -1.36 0.92
N1 ADP C . 14.87 -2.93 1.11
C2 ADP C . 15.48 -4.07 0.73
N3 ADP C . 14.98 -4.90 -0.24
C4 ADP C . 13.82 -4.60 -0.89
UNK UNX D . -8.77 -6.58 -10.75
UNK UNX E . 6.64 2.70 -8.94
UNK UNX F . -4.41 8.24 7.53
#